data_2Z74
#
_entry.id   2Z74
#
_cell.length_a   181.11
_cell.length_b   40.06
_cell.length_c   70.28
_cell.angle_alpha   90.00
_cell.angle_beta   90.00
_cell.angle_gamma   90.00
#
_symmetry.space_group_name_H-M   'P 21 21 2'
#
loop_
_entity.id
_entity.type
_entity.pdbx_description
1 polymer 'glmS ribozyme substrate RNA'
2 polymer 'glmS ribozyme RNA'
3 non-polymer 6-O-phosphono-alpha-D-glucopyranose
4 non-polymer 'MAGNESIUM ION'
5 water water
#
loop_
_entity_poly.entity_id
_entity_poly.type
_entity_poly.pdbx_seq_one_letter_code
_entity_poly.pdbx_strand_id
1 'polydeoxyribonucleotide/polyribonucleotide hybrid' (DA)GCGCCUGGACUUAAAGCCAUUGCACU A
2 'polyribonucleotide'
;CCGGCUUUAAGUUGACGAGGGCAGGGUUUAUCGAGACAUCGGCGGGUGCCCUGCGGUCUUCCUGCGACCGUUAGAGGACU
GGUAAAACCACAGGCGACUGUGGCAUAGAGCAGUCCGGGCAGGAA
;
B
#
loop_
_chem_comp.id
_chem_comp.type
_chem_comp.name
_chem_comp.formula
A RNA linking ADENOSINE-5'-MONOPHOSPHATE 'C10 H14 N5 O7 P'
C RNA linking CYTIDINE-5'-MONOPHOSPHATE 'C9 H14 N3 O8 P'
DA DNA linking 2'-DEOXYADENOSINE-5'-MONOPHOSPHATE 'C10 H14 N5 O6 P'
G RNA linking GUANOSINE-5'-MONOPHOSPHATE 'C10 H14 N5 O8 P'
G6P D-saccharide, alpha linking 6-O-phosphono-alpha-D-glucopyranose 'C6 H13 O9 P'
MG non-polymer 'MAGNESIUM ION' 'Mg 2'
U RNA linking URIDINE-5'-MONOPHOSPHATE 'C9 H13 N2 O9 P'
#
# COMPACT_ATOMS: atom_id res chain seq x y z
C1 G6P C . -1.53 2.56 2.66
C2 G6P C . -0.97 1.13 2.57
C3 G6P C . -1.98 0.24 1.80
C4 G6P C . -3.32 0.26 2.56
C5 G6P C . -3.81 1.75 2.60
C6 G6P C . -5.14 1.85 3.35
O1 G6P C . -1.63 3.17 1.37
O2 G6P C . 0.33 1.14 1.89
O3 G6P C . -1.47 -1.09 1.72
O4 G6P C . -4.28 -0.55 1.86
O5 G6P C . -2.83 2.57 3.31
O6 G6P C . -5.02 1.38 4.70
P G6P C . -6.48 1.18 5.33
O1P G6P C . -6.41 0.10 6.33
O2P G6P C . -6.97 2.53 6.03
O3P G6P C . -7.56 0.75 4.19
MG MG D . 3.79 7.38 9.38
MG MG E . -0.78 -0.49 17.75
MG MG F . 13.44 -7.86 -35.70
MG MG G . 17.38 -14.09 0.31
MG MG H . 21.65 11.99 23.87
MG MG I . -8.37 3.15 3.88
MG MG J . 6.30 -14.84 -26.76
MG MG K . 5.67 -4.22 -45.02
#